data_5GHU
#
_entry.id   5GHU
#
_cell.length_a   100.280
_cell.length_b   127.560
_cell.length_c   45.840
_cell.angle_alpha   90.000
_cell.angle_beta   90.000
_cell.angle_gamma   90.000
#
_symmetry.space_group_name_H-M   'C 2 2 21'
#
loop_
_entity.id
_entity.type
_entity.pdbx_description
1 polymer 'Probable fimbrial chaperone YadV'
2 non-polymer 'CHLORIDE ION'
3 non-polymer 'ACETATE ION'
4 non-polymer 'FORMIC ACID'
5 non-polymer 'TRIETHYLENE GLYCOL'
6 water water
#
_entity_poly.entity_id   1
_entity_poly.type   'polypeptide(L)'
_entity_poly.pdbx_seq_one_letter_code
;MDIVISGTRVIYKSDQKSVNVRLENKGNNPLLVQSWLDTGDDNAEPGSITVPFTATPPVSRIDAKRGQTIKLMYTASTSL
PKDRESVFWFNVLEVPPKPDAEKVANQSLLQLAFRTRIKLFYRPDGLKGNPSEAPLALKWFWSGSEGKASLRVTNPTPYY
VSFSSGDLEASGKRYPIDVKMIAPFSDEVMKVNGLNGKANSAKVHFYAINDFGGAIEGNARL
;
_entity_poly.pdbx_strand_id   A
#
loop_
_chem_comp.id
_chem_comp.type
_chem_comp.name
_chem_comp.formula
ACT non-polymer 'ACETATE ION' 'C2 H3 O2 -1'
CL non-polymer 'CHLORIDE ION' 'Cl -1'
FMT non-polymer 'FORMIC ACID' 'C H2 O2'
PGE non-polymer 'TRIETHYLENE GLYCOL' 'C6 H14 O4'
#
# COMPACT_ATOMS: atom_id res chain seq x y z
N MET A 1 18.09 -6.37 4.25
CA MET A 1 17.88 -5.06 4.83
C MET A 1 17.93 -5.19 6.34
N ASP A 2 18.81 -4.42 6.92
CA ASP A 2 19.01 -4.34 8.36
C ASP A 2 18.05 -3.37 9.00
N ILE A 3 17.71 -2.32 8.28
CA ILE A 3 16.71 -1.38 8.78
C ILE A 3 15.31 -1.92 8.57
N VAL A 4 14.54 -1.96 9.64
CA VAL A 4 13.16 -2.41 9.64
C VAL A 4 12.23 -1.27 9.98
N ILE A 5 11.16 -1.12 9.18
CA ILE A 5 10.15 -0.13 9.41
C ILE A 5 9.04 -0.76 10.26
N SER A 6 8.57 -0.06 11.28
CA SER A 6 7.46 -0.58 12.10
C SER A 6 6.17 -0.34 11.36
N GLY A 7 5.56 -1.41 10.86
CA GLY A 7 4.32 -1.24 10.13
C GLY A 7 4.52 -1.47 8.64
N THR A 8 3.48 -1.94 7.96
CA THR A 8 3.61 -2.20 6.55
C THR A 8 2.93 -1.12 5.72
N ARG A 9 2.22 -0.17 6.39
CA ARG A 9 1.72 1.01 5.71
CA ARG A 9 1.70 1.00 5.72
C ARG A 9 1.56 2.10 6.76
N VAL A 10 1.39 3.33 6.30
CA VAL A 10 1.19 4.49 7.21
C VAL A 10 -0.13 5.14 6.83
N ILE A 11 -1.00 5.42 7.81
CA ILE A 11 -2.21 6.18 7.54
C ILE A 11 -1.98 7.60 8.02
N TYR A 12 -2.17 8.57 7.12
CA TYR A 12 -1.99 10.00 7.46
C TYR A 12 -3.37 10.64 7.38
N LYS A 13 -4.03 10.85 8.53
CA LYS A 13 -5.34 11.50 8.53
C LYS A 13 -5.14 12.97 8.39
N SER A 14 -6.01 13.62 7.61
CA SER A 14 -5.75 15.01 7.22
C SER A 14 -5.75 16.01 8.38
N ASP A 15 -6.38 15.63 9.50
CA ASP A 15 -6.40 16.57 10.62
C ASP A 15 -5.13 16.52 11.48
N GLN A 16 -4.19 15.64 11.13
CA GLN A 16 -2.94 15.51 11.91
C GLN A 16 -1.84 16.44 11.43
N LYS A 17 -1.18 17.12 12.35
CA LYS A 17 -0.12 18.04 11.99
C LYS A 17 1.08 17.24 11.50
N SER A 18 1.24 16.03 12.04
CA SER A 18 2.28 15.12 11.57
C SER A 18 1.96 13.71 12.03
N VAL A 19 2.69 12.74 11.48
CA VAL A 19 2.58 11.33 11.84
CA VAL A 19 2.58 11.36 11.92
C VAL A 19 3.99 10.76 12.01
N ASN A 20 4.19 9.85 12.98
CA ASN A 20 5.52 9.29 13.18
C ASN A 20 5.63 7.89 12.61
N VAL A 21 6.80 7.57 12.08
CA VAL A 21 7.08 6.21 11.64
C VAL A 21 8.38 5.79 12.30
N ARG A 22 8.44 4.57 12.82
CA ARG A 22 9.66 4.14 13.52
C ARG A 22 10.53 3.22 12.67
N LEU A 23 11.83 3.52 12.69
CA LEU A 23 12.88 2.67 12.10
C LEU A 23 13.70 2.01 13.22
N GLU A 24 14.13 0.76 12.96
CA GLU A 24 15.04 0.07 13.88
C GLU A 24 16.14 -0.58 13.07
N ASN A 25 17.36 -0.49 13.57
CA ASN A 25 18.50 -1.17 12.96
C ASN A 25 18.71 -2.51 13.66
N LYS A 26 18.26 -3.58 13.03
CA LYS A 26 18.36 -4.93 13.59
C LYS A 26 19.74 -5.54 13.35
N GLY A 27 20.60 -4.85 12.60
CA GLY A 27 21.89 -5.38 12.19
C GLY A 27 22.98 -5.18 13.22
N ASN A 28 24.22 -5.54 12.89
CA ASN A 28 25.30 -5.44 13.87
C ASN A 28 26.23 -4.23 13.70
N ASN A 29 26.05 -3.51 12.61
CA ASN A 29 26.83 -2.32 12.32
C ASN A 29 25.94 -1.09 12.19
N PRO A 30 26.47 0.08 12.41
CA PRO A 30 25.68 1.28 12.27
C PRO A 30 25.44 1.54 10.82
N LEU A 31 24.39 2.28 10.51
CA LEU A 31 24.09 2.59 9.11
C LEU A 31 23.70 4.07 8.95
N LEU A 32 24.03 4.66 7.80
CA LEU A 32 23.45 5.93 7.40
C LEU A 32 22.13 5.61 6.75
N VAL A 33 21.05 6.28 7.15
CA VAL A 33 19.73 5.98 6.64
C VAL A 33 18.99 7.21 6.13
N GLN A 34 18.51 7.13 4.90
CA GLN A 34 17.74 8.23 4.31
C GLN A 34 16.28 7.86 4.28
N SER A 35 15.42 8.82 4.60
CA SER A 35 13.98 8.63 4.64
C SER A 35 13.35 9.71 3.77
N TRP A 36 12.41 9.35 2.92
CA TRP A 36 11.68 10.37 2.18
C TRP A 36 10.37 9.85 1.65
N LEU A 37 9.52 10.79 1.23
CA LEU A 37 8.26 10.46 0.57
C LEU A 37 8.31 10.83 -0.91
N ASP A 38 7.80 9.94 -1.75
CA ASP A 38 7.58 10.31 -3.16
C ASP A 38 6.33 9.63 -3.74
N THR A 39 6.16 9.66 -5.07
CA THR A 39 4.91 9.17 -5.63
C THR A 39 4.99 7.75 -6.18
N GLY A 40 6.17 7.15 -6.11
CA GLY A 40 6.27 5.72 -6.39
C GLY A 40 7.14 5.39 -7.58
N ASP A 41 8.00 6.35 -7.93
CA ASP A 41 9.01 6.29 -9.01
C ASP A 41 8.37 6.60 -10.34
N THR A 50 6.06 18.78 -6.07
CA THR A 50 6.06 17.33 -6.21
C THR A 50 5.24 16.65 -5.10
N VAL A 51 5.84 16.33 -3.97
CA VAL A 51 5.04 15.75 -2.87
C VAL A 51 4.97 16.72 -1.71
N PRO A 52 3.75 16.99 -1.22
CA PRO A 52 3.58 18.02 -0.20
C PRO A 52 3.83 17.46 1.20
N PHE A 53 4.97 16.80 1.39
CA PHE A 53 5.32 16.26 2.71
C PHE A 53 6.80 16.53 2.99
N THR A 54 7.16 16.58 4.27
CA THR A 54 8.56 16.47 4.67
C THR A 54 8.71 15.21 5.55
N ALA A 55 9.93 14.67 5.59
CA ALA A 55 10.26 13.53 6.46
C ALA A 55 11.50 13.93 7.18
N THR A 56 11.43 13.99 8.52
CA THR A 56 12.51 14.53 9.34
CA THR A 56 12.58 14.46 9.25
C THR A 56 12.88 13.57 10.45
N PRO A 57 14.16 13.28 10.65
CA PRO A 57 15.30 13.76 9.88
C PRO A 57 15.41 13.00 8.55
N PRO A 58 15.77 13.71 7.48
CA PRO A 58 15.86 13.04 6.18
C PRO A 58 17.06 12.11 6.11
N VAL A 59 18.11 12.39 6.88
CA VAL A 59 19.24 11.50 7.00
C VAL A 59 19.58 11.30 8.46
N SER A 60 19.76 10.06 8.86
CA SER A 60 20.22 9.81 10.22
C SER A 60 21.23 8.68 10.27
N ARG A 61 22.05 8.69 11.32
CA ARG A 61 22.90 7.57 11.65
C ARG A 61 22.20 6.74 12.73
N ILE A 62 21.91 5.48 12.42
CA ILE A 62 21.24 4.57 13.35
C ILE A 62 22.22 3.47 13.75
N ASP A 63 22.61 3.45 15.03
CA ASP A 63 23.58 2.46 15.50
C ASP A 63 22.95 1.09 15.53
N ALA A 64 23.79 0.06 15.56
CA ALA A 64 23.32 -1.30 15.68
C ALA A 64 22.36 -1.41 16.87
N LYS A 65 21.23 -2.06 16.64
CA LYS A 65 20.28 -2.36 17.71
C LYS A 65 19.70 -1.09 18.32
N ARG A 66 19.79 0.01 17.59
CA ARG A 66 19.10 1.23 18.02
C ARG A 66 18.09 1.65 16.95
N GLY A 67 17.37 2.73 17.19
CA GLY A 67 16.33 3.12 16.22
C GLY A 67 16.21 4.63 16.09
N GLN A 68 15.21 5.07 15.33
CA GLN A 68 15.03 6.47 15.00
C GLN A 68 13.58 6.64 14.60
N THR A 69 12.91 7.61 15.21
CA THR A 69 11.58 7.98 14.76
C THR A 69 11.66 9.04 13.67
N ILE A 70 10.89 8.83 12.58
CA ILE A 70 10.85 9.79 11.48
C ILE A 70 9.50 10.51 11.55
N LYS A 71 9.53 11.82 11.51
CA LYS A 71 8.29 12.58 11.55
C LYS A 71 7.88 12.93 10.12
N LEU A 72 6.67 12.55 9.74
CA LEU A 72 6.17 12.85 8.40
C LEU A 72 5.18 13.98 8.53
N MET A 73 5.32 15.00 7.70
CA MET A 73 4.51 16.19 7.89
C MET A 73 3.96 16.72 6.56
N TYR A 74 2.64 16.87 6.46
CA TYR A 74 2.00 17.45 5.28
C TYR A 74 2.25 18.96 5.23
N THR A 75 2.59 19.46 4.06
CA THR A 75 2.98 20.85 3.93
C THR A 75 1.94 21.64 3.16
N ALA A 76 1.03 20.94 2.48
CA ALA A 76 0.03 21.59 1.62
C ALA A 76 0.68 22.53 0.61
N SER A 77 1.90 22.21 0.19
CA SER A 77 2.53 23.01 -0.85
C SER A 77 1.73 22.82 -2.14
N THR A 78 1.17 21.63 -2.27
CA THR A 78 0.18 21.27 -3.27
C THR A 78 -1.04 20.81 -2.51
N SER A 79 -2.23 21.13 -2.98
CA SER A 79 -3.42 20.72 -2.25
C SER A 79 -3.82 19.34 -2.70
N LEU A 80 -4.05 18.45 -1.76
CA LEU A 80 -4.51 17.13 -2.15
C LEU A 80 -6.04 17.11 -2.20
N PRO A 81 -6.61 16.13 -2.93
CA PRO A 81 -8.08 16.09 -3.01
C PRO A 81 -8.69 15.87 -1.68
N LYS A 82 -9.87 16.45 -1.45
CA LYS A 82 -10.53 16.21 -0.19
C LYS A 82 -11.65 15.18 -0.26
N ASP A 83 -11.86 14.58 -1.45
CA ASP A 83 -12.96 13.65 -1.59
C ASP A 83 -12.53 12.21 -1.76
N ARG A 84 -11.25 11.94 -1.51
CA ARG A 84 -10.74 10.58 -1.69
C ARG A 84 -9.38 10.50 -1.12
N GLU A 85 -8.92 9.30 -0.84
CA GLU A 85 -7.54 9.08 -0.40
C GLU A 85 -6.57 9.36 -1.54
N SER A 86 -5.34 9.73 -1.11
CA SER A 86 -4.18 9.84 -2.04
C SER A 86 -3.09 8.93 -1.51
N VAL A 87 -2.34 8.29 -2.38
CA VAL A 87 -1.30 7.38 -1.94
C VAL A 87 0.08 7.90 -2.32
N PHE A 88 1.00 7.66 -1.40
CA PHE A 88 2.42 8.00 -1.56
C PHE A 88 3.27 6.86 -1.09
N TRP A 89 4.56 6.96 -1.41
CA TRP A 89 5.51 5.97 -0.94
C TRP A 89 6.51 6.53 0.05
N PHE A 90 6.57 5.88 1.20
CA PHE A 90 7.59 6.19 2.20
C PHE A 90 8.81 5.30 1.96
N ASN A 91 9.95 5.95 1.67
CA ASN A 91 11.18 5.25 1.33
C ASN A 91 12.22 5.33 2.40
N VAL A 92 12.93 4.21 2.58
CA VAL A 92 14.08 4.10 3.46
C VAL A 92 15.23 3.49 2.71
N LEU A 93 16.36 4.18 2.70
CA LEU A 93 17.55 3.72 1.97
C LEU A 93 18.71 3.62 2.95
N GLU A 94 19.33 2.46 3.10
CA GLU A 94 20.43 2.33 4.07
C GLU A 94 21.76 2.21 3.34
N VAL A 95 22.82 2.65 3.99
CA VAL A 95 24.15 2.43 3.43
C VAL A 95 25.20 2.45 4.55
N PRO A 96 26.09 1.45 4.54
CA PRO A 96 27.07 1.35 5.63
C PRO A 96 28.11 2.48 5.53
N PRO A 97 28.34 3.21 6.64
CA PRO A 97 29.26 4.36 6.64
C PRO A 97 30.72 3.97 6.45
N LEU A 109 35.63 4.34 -1.59
CA LEU A 109 35.62 3.41 -2.72
C LEU A 109 34.20 3.24 -3.29
N LEU A 110 33.76 1.99 -3.41
CA LEU A 110 32.41 1.64 -3.88
C LEU A 110 31.66 0.87 -2.79
N GLN A 111 30.33 0.97 -2.77
CA GLN A 111 29.59 0.43 -1.63
C GLN A 111 28.15 0.07 -2.01
N LEU A 112 27.67 -1.07 -1.47
CA LEU A 112 26.31 -1.51 -1.75
C LEU A 112 25.36 -0.87 -0.73
N ALA A 113 24.13 -0.60 -1.15
CA ALA A 113 23.14 0.05 -0.29
C ALA A 113 21.77 -0.62 -0.53
N PHE A 114 20.80 -0.41 0.34
CA PHE A 114 19.50 -1.09 0.16
C PHE A 114 18.30 -0.19 0.42
N ARG A 115 17.23 -0.37 -0.35
CA ARG A 115 16.08 0.51 -0.28
C ARG A 115 14.80 -0.28 -0.05
N THR A 116 13.95 0.21 0.84
CA THR A 116 12.67 -0.41 1.10
C THR A 116 11.61 0.70 1.04
N ARG A 117 10.40 0.36 0.61
CA ARG A 117 9.32 1.36 0.50
C ARG A 117 8.05 0.74 1.08
N ILE A 118 7.23 1.55 1.77
CA ILE A 118 5.87 1.17 2.16
C ILE A 118 4.91 2.26 1.77
N LYS A 119 3.64 1.92 1.64
CA LYS A 119 2.64 2.92 1.23
C LYS A 119 2.23 3.84 2.39
N LEU A 120 2.03 5.10 2.02
CA LEU A 120 1.39 6.06 2.94
C LEU A 120 0.06 6.46 2.31
N PHE A 121 -1.03 6.32 3.06
CA PHE A 121 -2.34 6.74 2.53
C PHE A 121 -2.74 8.00 3.21
N TYR A 122 -2.86 9.07 2.43
CA TYR A 122 -3.37 10.34 2.94
C TYR A 122 -4.90 10.30 2.90
N ARG A 123 -5.54 10.42 4.09
CA ARG A 123 -6.97 10.19 4.21
C ARG A 123 -7.64 11.48 4.71
N PRO A 124 -8.30 12.21 3.81
CA PRO A 124 -9.11 13.34 4.28
C PRO A 124 -10.15 12.87 5.28
N ASP A 125 -10.39 13.70 6.29
CA ASP A 125 -11.44 13.38 7.25
C ASP A 125 -12.80 13.44 6.56
N GLY A 126 -13.75 12.65 7.07
CA GLY A 126 -15.12 12.74 6.65
C GLY A 126 -15.52 11.99 5.39
N LEU A 127 -14.68 11.05 4.96
CA LEU A 127 -15.08 10.27 3.79
C LEU A 127 -16.23 9.32 4.12
N LYS A 128 -17.09 9.10 3.13
CA LYS A 128 -18.22 8.20 3.28
C LYS A 128 -17.73 6.77 3.54
N GLY A 129 -18.37 6.11 4.49
CA GLY A 129 -18.06 4.70 4.66
C GLY A 129 -16.76 4.49 5.42
N ASN A 130 -16.37 3.24 5.52
CA ASN A 130 -15.19 2.87 6.25
C ASN A 130 -14.20 2.14 5.36
N PRO A 131 -12.91 2.36 5.54
CA PRO A 131 -11.94 1.74 4.60
C PRO A 131 -11.92 0.23 4.66
N SER A 132 -12.18 -0.37 5.80
CA SER A 132 -12.11 -1.83 5.87
CA SER A 132 -12.12 -1.83 5.87
C SER A 132 -13.30 -2.48 5.17
N GLU A 133 -14.31 -1.69 4.82
CA GLU A 133 -15.47 -2.18 4.11
C GLU A 133 -15.35 -1.95 2.58
N ALA A 134 -14.34 -1.20 2.16
CA ALA A 134 -14.24 -0.90 0.75
C ALA A 134 -13.99 -2.19 -0.08
N PRO A 135 -13.23 -3.17 0.46
CA PRO A 135 -13.04 -4.37 -0.39
C PRO A 135 -14.37 -5.03 -0.70
N LEU A 136 -15.32 -5.08 0.26
CA LEU A 136 -16.64 -5.66 0.03
C LEU A 136 -17.41 -4.90 -1.05
N ALA A 137 -17.14 -3.59 -1.16
CA ALA A 137 -17.84 -2.77 -2.13
C ALA A 137 -17.36 -2.91 -3.56
N LEU A 138 -16.19 -3.50 -3.73
CA LEU A 138 -15.68 -3.71 -5.12
C LEU A 138 -16.62 -4.57 -5.92
N LYS A 139 -16.75 -4.20 -7.21
CA LYS A 139 -17.52 -5.03 -8.13
C LYS A 139 -16.59 -5.70 -9.12
N TRP A 140 -16.84 -6.99 -9.33
CA TRP A 140 -15.98 -7.80 -10.17
C TRP A 140 -16.67 -8.31 -11.41
N PHE A 141 -15.96 -8.27 -12.53
CA PHE A 141 -16.47 -8.69 -13.85
C PHE A 141 -15.45 -9.43 -14.65
N TRP A 142 -15.92 -10.38 -15.49
CA TRP A 142 -15.04 -10.99 -16.44
C TRP A 142 -14.64 -9.90 -17.40
N SER A 143 -13.38 -9.95 -17.81
CA SER A 143 -12.82 -9.04 -18.78
C SER A 143 -12.33 -9.94 -19.91
N GLY A 144 -12.76 -9.67 -21.13
CA GLY A 144 -12.60 -10.62 -22.23
C GLY A 144 -11.39 -10.38 -23.09
N SER A 145 -10.96 -11.39 -23.85
CA SER A 145 -11.61 -12.70 -23.90
C SER A 145 -11.14 -13.58 -22.75
N LYS A 148 -7.14 -15.54 -22.61
CA LYS A 148 -6.23 -14.83 -21.73
C LYS A 148 -7.10 -14.15 -20.65
N ALA A 149 -7.49 -14.94 -19.65
CA ALA A 149 -8.53 -14.50 -18.73
C ALA A 149 -8.09 -13.37 -17.86
N SER A 150 -9.00 -12.40 -17.63
CA SER A 150 -8.75 -11.35 -16.66
C SER A 150 -10.05 -10.84 -16.11
N LEU A 151 -9.96 -10.08 -15.01
CA LEU A 151 -11.12 -9.54 -14.34
C LEU A 151 -11.02 -8.04 -14.40
N ARG A 152 -12.16 -7.41 -14.63
CA ARG A 152 -12.24 -5.96 -14.45
C ARG A 152 -12.89 -5.69 -13.09
N VAL A 153 -12.26 -4.83 -12.32
CA VAL A 153 -12.67 -4.60 -10.94
C VAL A 153 -12.97 -3.09 -10.81
N THR A 154 -14.10 -2.77 -10.19
CA THR A 154 -14.53 -1.37 -10.06
C THR A 154 -14.63 -1.02 -8.60
N ASN A 155 -13.99 0.08 -8.22
CA ASN A 155 -14.01 0.58 -6.82
C ASN A 155 -14.88 1.82 -6.74
N PRO A 156 -16.05 1.70 -6.17
CA PRO A 156 -17.00 2.83 -6.07
C PRO A 156 -16.76 3.71 -4.84
N THR A 157 -15.69 3.46 -4.12
CA THR A 157 -15.48 4.11 -2.80
C THR A 157 -14.38 5.19 -2.90
N PRO A 158 -14.27 6.01 -1.85
CA PRO A 158 -13.13 6.97 -1.78
C PRO A 158 -11.85 6.43 -1.20
N TYR A 159 -11.76 5.11 -1.01
CA TYR A 159 -10.60 4.47 -0.41
C TYR A 159 -9.86 3.58 -1.39
N TYR A 160 -8.54 3.56 -1.27
CA TYR A 160 -7.79 2.49 -1.93
C TYR A 160 -8.20 1.15 -1.35
N VAL A 161 -8.13 0.14 -2.23
CA VAL A 161 -8.12 -1.25 -1.75
C VAL A 161 -6.84 -1.92 -2.20
N SER A 162 -6.17 -2.58 -1.22
CA SER A 162 -4.87 -3.26 -1.45
C SER A 162 -5.07 -4.72 -1.11
N PHE A 163 -4.35 -5.61 -1.80
CA PHE A 163 -4.53 -7.05 -1.55
C PHE A 163 -3.22 -7.76 -1.22
N SER A 164 -3.33 -8.82 -0.42
CA SER A 164 -2.17 -9.69 -0.29
C SER A 164 -2.25 -10.84 -1.28
N SER A 165 -3.46 -11.30 -1.60
CA SER A 165 -3.63 -12.43 -2.57
C SER A 165 -5.09 -12.55 -2.95
N GLY A 166 -5.35 -13.32 -4.02
CA GLY A 166 -6.71 -13.55 -4.42
C GLY A 166 -6.69 -14.63 -5.47
N ASP A 167 -7.83 -15.24 -5.70
CA ASP A 167 -7.92 -16.26 -6.76
C ASP A 167 -9.35 -16.36 -7.29
N LEU A 168 -9.46 -16.99 -8.43
CA LEU A 168 -10.72 -17.31 -9.05
C LEU A 168 -10.89 -18.82 -9.00
N GLU A 169 -12.09 -19.28 -8.64
CA GLU A 169 -12.37 -20.71 -8.57
C GLU A 169 -13.53 -21.07 -9.45
N ALA A 170 -13.39 -22.19 -10.14
CA ALA A 170 -14.48 -22.70 -10.94
C ALA A 170 -14.34 -24.20 -11.10
N SER A 171 -15.42 -24.93 -10.81
CA SER A 171 -15.43 -26.38 -10.98
C SER A 171 -14.26 -27.02 -10.23
N GLY A 172 -13.95 -26.47 -9.06
CA GLY A 172 -12.96 -27.01 -8.15
C GLY A 172 -11.52 -26.68 -8.47
N LYS A 173 -11.31 -25.91 -9.54
CA LYS A 173 -9.97 -25.53 -9.92
C LYS A 173 -9.78 -24.10 -9.47
N ARG A 174 -8.59 -23.80 -8.96
CA ARG A 174 -8.30 -22.46 -8.47
C ARG A 174 -7.20 -21.80 -9.29
N TYR A 175 -7.41 -20.51 -9.63
CA TYR A 175 -6.51 -19.78 -10.48
C TYR A 175 -6.12 -18.49 -9.78
N PRO A 176 -4.87 -18.35 -9.42
CA PRO A 176 -4.45 -17.14 -8.72
C PRO A 176 -4.70 -15.92 -9.58
N ILE A 177 -5.12 -14.85 -8.91
CA ILE A 177 -5.25 -13.54 -9.55
C ILE A 177 -3.98 -12.72 -9.29
N ASP A 178 -3.45 -12.06 -10.32
CA ASP A 178 -2.38 -11.08 -10.13
C ASP A 178 -2.98 -9.82 -9.54
N VAL A 179 -3.27 -9.86 -8.25
CA VAL A 179 -3.96 -8.74 -7.61
C VAL A 179 -3.15 -7.45 -7.70
N LYS A 180 -3.88 -6.33 -7.82
CA LYS A 180 -3.26 -5.00 -7.90
C LYS A 180 -4.04 -4.12 -6.97
N MET A 181 -3.36 -3.09 -6.44
CA MET A 181 -4.08 -2.06 -5.72
C MET A 181 -5.06 -1.33 -6.64
N ILE A 182 -6.23 -1.01 -6.12
CA ILE A 182 -7.22 -0.28 -6.93
C ILE A 182 -7.57 1.06 -6.25
N ALA A 183 -7.32 2.11 -7.00
CA ALA A 183 -7.54 3.48 -6.48
C ALA A 183 -9.00 3.80 -6.27
N PRO A 184 -9.26 4.84 -5.45
CA PRO A 184 -10.65 5.33 -5.29
C PRO A 184 -11.29 5.59 -6.62
N PHE A 185 -12.58 5.25 -6.71
CA PHE A 185 -13.39 5.73 -7.89
C PHE A 185 -12.75 5.38 -9.22
N SER A 186 -12.26 4.14 -9.34
CA SER A 186 -11.53 3.73 -10.55
C SER A 186 -11.76 2.25 -10.85
N ASP A 187 -11.35 1.91 -12.06
CA ASP A 187 -11.32 0.50 -12.50
C ASP A 187 -9.88 0.02 -12.58
N GLU A 188 -9.67 -1.30 -12.40
CA GLU A 188 -8.40 -1.91 -12.70
C GLU A 188 -8.71 -3.30 -13.29
N VAL A 189 -7.89 -3.71 -14.24
CA VAL A 189 -7.94 -5.09 -14.76
C VAL A 189 -6.85 -5.93 -14.07
N MET A 190 -7.21 -7.16 -13.68
CA MET A 190 -6.25 -8.01 -12.98
C MET A 190 -6.26 -9.33 -13.71
N LYS A 191 -5.06 -9.80 -14.03
CA LYS A 191 -4.87 -11.04 -14.78
C LYS A 191 -5.25 -12.28 -13.93
N VAL A 192 -5.81 -13.29 -14.58
CA VAL A 192 -6.08 -14.59 -13.93
C VAL A 192 -5.10 -15.60 -14.52
N ASN A 193 -4.26 -16.16 -13.66
CA ASN A 193 -3.21 -17.06 -14.12
C ASN A 193 -3.69 -18.46 -14.42
N GLY A 194 -3.36 -18.95 -15.60
CA GLY A 194 -3.53 -20.36 -15.90
C GLY A 194 -4.91 -20.70 -16.39
N LEU A 195 -5.66 -19.68 -16.76
CA LEU A 195 -7.03 -19.86 -17.22
C LEU A 195 -7.21 -19.22 -18.60
N ASN A 196 -7.66 -20.02 -19.56
CA ASN A 196 -7.77 -19.57 -20.94
C ASN A 196 -8.88 -18.55 -21.16
N GLY A 197 -10.09 -18.87 -20.72
CA GLY A 197 -11.20 -17.95 -20.90
C GLY A 197 -12.22 -18.08 -19.78
N LYS A 198 -13.26 -17.24 -19.81
CA LYS A 198 -14.32 -17.29 -18.81
C LYS A 198 -14.75 -18.74 -18.49
N ALA A 199 -14.83 -19.02 -17.19
CA ALA A 199 -15.31 -20.28 -16.67
C ALA A 199 -16.72 -20.11 -16.14
N ASN A 200 -17.52 -21.15 -16.23
CA ASN A 200 -18.87 -21.14 -15.69
C ASN A 200 -18.90 -21.13 -14.17
N SER A 201 -19.82 -20.32 -13.64
CA SER A 201 -20.09 -20.23 -12.21
C SER A 201 -18.84 -19.98 -11.39
N ALA A 202 -18.06 -19.01 -11.81
CA ALA A 202 -16.79 -18.76 -11.13
C ALA A 202 -17.01 -17.88 -9.92
N LYS A 203 -16.13 -18.03 -8.95
CA LYS A 203 -16.18 -17.17 -7.76
C LYS A 203 -14.80 -16.58 -7.53
N VAL A 204 -14.79 -15.33 -7.03
CA VAL A 204 -13.56 -14.68 -6.63
C VAL A 204 -13.42 -14.76 -5.13
N HIS A 205 -12.20 -15.06 -4.65
CA HIS A 205 -11.93 -14.98 -3.23
C HIS A 205 -10.67 -14.11 -3.08
N PHE A 206 -10.56 -13.33 -1.99
CA PHE A 206 -9.37 -12.50 -1.84
C PHE A 206 -9.13 -12.19 -0.38
N TYR A 207 -7.91 -11.74 -0.13
CA TYR A 207 -7.56 -11.11 1.14
C TYR A 207 -7.04 -9.73 0.84
N ALA A 208 -7.85 -8.75 1.22
CA ALA A 208 -7.38 -7.36 1.17
C ALA A 208 -6.65 -7.02 2.45
N ILE A 209 -6.13 -5.78 2.53
CA ILE A 209 -5.27 -5.41 3.66
C ILE A 209 -5.86 -4.21 4.37
N ASN A 210 -6.02 -4.34 5.68
CA ASN A 210 -6.59 -3.22 6.42
C ASN A 210 -5.54 -2.21 6.88
N ASP A 211 -5.98 -1.18 7.60
CA ASP A 211 -5.06 -0.09 7.97
C ASP A 211 -3.88 -0.52 8.80
N PHE A 212 -4.03 -1.67 9.43
CA PHE A 212 -3.09 -2.16 10.44
C PHE A 212 -2.30 -3.28 9.85
N GLY A 213 -2.51 -3.55 8.56
CA GLY A 213 -1.77 -4.60 7.86
C GLY A 213 -2.39 -5.97 7.95
N GLY A 214 -3.54 -6.07 8.61
CA GLY A 214 -4.26 -7.32 8.83
C GLY A 214 -5.12 -7.65 7.63
N ALA A 215 -5.60 -8.86 7.58
CA ALA A 215 -6.38 -9.32 6.43
C ALA A 215 -7.85 -8.96 6.53
N ILE A 216 -8.41 -8.64 5.35
CA ILE A 216 -9.85 -8.48 5.15
C ILE A 216 -10.27 -9.50 4.12
N GLU A 217 -10.90 -10.58 4.59
CA GLU A 217 -11.32 -11.61 3.64
C GLU A 217 -12.53 -11.14 2.81
N GLY A 218 -12.62 -11.52 1.54
CA GLY A 218 -13.80 -11.21 0.77
C GLY A 218 -14.05 -12.21 -0.34
N ASN A 219 -15.21 -12.13 -0.95
CA ASN A 219 -15.56 -13.00 -2.05
C ASN A 219 -16.59 -12.37 -2.94
N ALA A 220 -16.66 -12.82 -4.19
CA ALA A 220 -17.69 -12.32 -5.09
C ALA A 220 -18.02 -13.40 -6.13
N ARG A 221 -19.28 -13.47 -6.55
CA ARG A 221 -19.66 -14.45 -7.58
C ARG A 221 -19.74 -13.72 -8.90
N LEU A 222 -19.17 -14.31 -9.95
CA LEU A 222 -19.23 -13.70 -11.26
C LEU A 222 -20.45 -14.23 -12.00
CL CL B . 0.30 -3.27 0.57
C ACT C . -3.52 -13.88 4.88
O ACT C . -3.60 -14.67 3.91
OXT ACT C . -4.36 -14.13 5.76
CH3 ACT C . -2.51 -12.78 5.00
H1 ACT C . -2.64 -12.27 5.95
H2 ACT C . -2.65 -12.07 4.18
H3 ACT C . -1.51 -13.20 4.95
C ACT D . 23.73 13.71 10.09
O ACT D . 23.49 13.41 8.90
OXT ACT D . 23.49 14.91 10.39
CH3 ACT D . 24.25 12.71 11.07
H1 ACT D . 24.38 13.19 12.03
H2 ACT D . 25.21 12.34 10.72
H3 ACT D . 23.55 11.89 11.15
C FMT E . 16.30 11.40 -1.80
O1 FMT E . 16.67 11.67 -0.64
O2 FMT E . 15.53 12.13 -2.42
H FMT E . 16.66 10.50 -2.30
HO2 FMT E . 15.18 12.95 -2.01
C1 PGE F . -10.94 -6.31 15.09
O1 PGE F . -10.75 -7.69 14.80
C2 PGE F . -10.39 -5.45 13.95
O2 PGE F . -10.11 -4.15 14.40
C3 PGE F . -9.04 -4.04 15.30
C4 PGE F . -8.15 -2.95 14.75
O4 PGE F . -4.79 -5.43 16.13
C6 PGE F . -4.76 -4.09 15.65
C5 PGE F . -5.96 -3.91 14.76
O3 PGE F . -6.87 -2.99 15.35
H1 PGE F . -12.02 -6.06 15.20
H12 PGE F . -10.44 -6.02 16.02
HO1 PGE F . -10.62 -8.15 15.63
H2 PGE F . -9.46 -5.93 13.58
H22 PGE F . -11.11 -5.45 13.12
H3 PGE F . -9.39 -3.77 16.31
H32 PGE F . -8.48 -4.99 15.37
H4 PGE F . -8.08 -3.06 13.66
H42 PGE F . -8.63 -1.97 14.94
HO4 PGE F . -3.97 -5.86 15.87
H6 PGE F . -4.82 -3.36 16.48
H62 PGE F . -3.85 -3.87 15.07
H5 PGE F . -6.44 -4.88 14.59
H52 PGE F . -5.63 -3.53 13.78
#